data_5J4H
#
_entry.id   5J4H
#
_cell.length_a   40.459
_cell.length_b   61.122
_cell.length_c   87.767
_cell.angle_alpha   90.00
_cell.angle_beta   90.00
_cell.angle_gamma   90.00
#
_symmetry.space_group_name_H-M   'P 21 21 21'
#
loop_
_entity.id
_entity.type
_entity.pdbx_description
1 polymer 'DNA repair and recombination protein RadA'
2 non-polymer '1H-indole-6-carboxylic acid'
3 non-polymer 'SODIUM ION'
4 non-polymer 'CALCIUM ION'
5 non-polymer 'DIMETHYL SULFOXIDE'
6 water water
#
_entity_poly.entity_id   1
_entity_poly.type   'polypeptide(L)'
_entity_poly.pdbx_seq_one_letter_code
;MATIGRISTGSKSLDKLLGGGIETQAITEVFGEFGSGKTQLAHTLAVMVQLPPEEGGLNGSAMYIDTENTFRPERLREIA
QNRGLDPDEVLDNVAYARAFNSNHQMLLVQQAEDMIKELLNTDRPVKLLIVDSLTSHFRSEYIGRGALAERQQKLAKHLA
DLHRLANLYDIAVFVTNQVQANGGHILAHSATLRVYLRKGKGGKRIARLIDAPHLPEGEAVFSITEKGIED
;
_entity_poly.pdbx_strand_id   A
#
loop_
_chem_comp.id
_chem_comp.type
_chem_comp.name
_chem_comp.formula
1F1 non-polymer '1H-indole-6-carboxylic acid' 'C9 H7 N O2'
CA non-polymer 'CALCIUM ION' 'Ca 2'
DMS non-polymer 'DIMETHYL SULFOXIDE' 'C2 H6 O S'
NA non-polymer 'SODIUM ION' 'Na 1'
#
# COMPACT_ATOMS: atom_id res chain seq x y z
N ALA A 2 -20.21 6.16 -4.79
CA ALA A 2 -19.26 7.25 -4.96
C ALA A 2 -18.15 6.84 -5.93
N THR A 3 -17.71 7.79 -6.74
CA THR A 3 -16.71 7.51 -7.76
C THR A 3 -15.42 6.94 -7.15
N ILE A 4 -14.87 5.95 -7.83
CA ILE A 4 -13.60 5.37 -7.44
C ILE A 4 -12.48 6.25 -7.95
N GLY A 5 -11.58 6.64 -7.05
CA GLY A 5 -10.38 7.39 -7.42
C GLY A 5 -9.25 6.45 -7.72
N ARG A 6 -8.28 6.90 -8.53
CA ARG A 6 -7.15 6.07 -8.91
C ARG A 6 -5.83 6.81 -8.73
N ILE A 7 -4.90 6.17 -8.01
CA ILE A 7 -3.58 6.74 -7.80
C ILE A 7 -2.58 6.08 -8.73
N SER A 8 -1.90 6.87 -9.54
CA SER A 8 -0.86 6.35 -10.41
C SER A 8 0.30 5.81 -9.59
N THR A 9 0.86 4.70 -10.05
CA THR A 9 2.04 4.10 -9.44
C THR A 9 3.35 4.75 -9.88
N GLY A 10 3.28 5.63 -10.88
CA GLY A 10 4.47 6.18 -11.51
C GLY A 10 4.82 5.45 -12.80
N SER A 11 4.31 4.22 -12.93
CA SER A 11 4.57 3.39 -14.11
C SER A 11 3.34 3.26 -14.99
N LYS A 12 3.47 3.66 -16.25
N LYS A 12 3.48 3.65 -16.24
CA LYS A 12 2.37 3.55 -17.20
CA LYS A 12 2.41 3.56 -17.22
C LYS A 12 2.00 2.08 -17.36
C LYS A 12 2.01 2.10 -17.46
N SER A 13 3.00 1.22 -17.43
CA SER A 13 2.79 -0.22 -17.61
C SER A 13 1.98 -0.80 -16.45
N LEU A 14 2.43 -0.53 -15.23
CA LEU A 14 1.75 -1.04 -14.05
C LEU A 14 0.37 -0.42 -13.92
N ASP A 15 0.23 0.86 -14.25
CA ASP A 15 -1.07 1.52 -14.19
C ASP A 15 -2.06 0.82 -15.12
N LYS A 16 -1.59 0.47 -16.33
CA LYS A 16 -2.46 -0.22 -17.28
C LYS A 16 -2.93 -1.56 -16.72
N LEU A 17 -2.02 -2.32 -16.16
CA LEU A 17 -2.38 -3.60 -15.55
C LEU A 17 -3.45 -3.42 -14.48
N LEU A 18 -3.33 -2.33 -13.73
CA LEU A 18 -4.24 -2.05 -12.61
C LEU A 18 -5.53 -1.36 -13.05
N GLY A 19 -5.67 -1.07 -14.34
CA GLY A 19 -6.87 -0.43 -14.84
C GLY A 19 -6.91 1.07 -14.61
N GLY A 20 -5.73 1.66 -14.40
CA GLY A 20 -5.59 3.10 -14.28
C GLY A 20 -4.80 3.52 -13.05
N GLY A 21 -4.62 2.59 -12.13
CA GLY A 21 -3.92 2.88 -10.90
C GLY A 21 -4.54 2.16 -9.72
N ILE A 22 -3.99 2.41 -8.54
CA ILE A 22 -4.51 1.85 -7.29
C ILE A 22 -5.83 2.53 -6.94
N GLU A 23 -6.84 1.74 -6.60
CA GLU A 23 -8.19 2.25 -6.40
C GLU A 23 -8.51 2.62 -4.95
N THR A 24 -9.25 3.72 -4.78
CA THR A 24 -9.91 3.98 -3.51
C THR A 24 -11.06 2.98 -3.34
N GLN A 25 -11.56 2.87 -2.12
CA GLN A 25 -12.63 1.92 -1.79
C GLN A 25 -12.19 0.48 -2.07
N ALA A 26 -10.91 0.23 -1.88
CA ALA A 26 -10.32 -1.08 -2.16
C ALA A 26 -9.06 -1.29 -1.35
N ILE A 27 -8.76 -2.55 -1.05
CA ILE A 27 -7.45 -2.94 -0.53
C ILE A 27 -6.67 -3.61 -1.65
N THR A 28 -5.53 -3.02 -2.01
CA THR A 28 -4.63 -3.64 -2.96
C THR A 28 -3.44 -4.22 -2.20
N GLU A 29 -3.23 -5.52 -2.35
CA GLU A 29 -2.11 -6.21 -1.76
C GLU A 29 -1.06 -6.50 -2.80
N VAL A 30 0.19 -6.16 -2.48
N VAL A 30 0.16 -6.04 -2.55
CA VAL A 30 1.32 -6.42 -3.35
CA VAL A 30 1.30 -6.47 -3.34
C VAL A 30 2.34 -7.29 -2.60
C VAL A 30 2.12 -7.43 -2.50
N PHE A 31 2.59 -8.50 -3.11
CA PHE A 31 3.44 -9.45 -2.39
C PHE A 31 4.57 -9.94 -3.27
N GLY A 32 5.67 -10.31 -2.64
CA GLY A 32 6.87 -10.72 -3.33
C GLY A 32 8.02 -10.80 -2.35
N GLU A 33 9.18 -11.22 -2.85
CA GLU A 33 10.37 -11.32 -2.03
C GLU A 33 10.89 -9.93 -1.69
N PHE A 34 11.79 -9.86 -0.71
CA PHE A 34 12.47 -8.61 -0.41
C PHE A 34 13.14 -8.09 -1.67
N GLY A 35 12.97 -6.81 -1.95
CA GLY A 35 13.55 -6.20 -3.13
C GLY A 35 12.75 -6.38 -4.41
N SER A 36 11.56 -6.97 -4.30
CA SER A 36 10.72 -7.19 -5.47
C SER A 36 10.07 -5.90 -5.97
N GLY A 37 10.13 -4.85 -5.16
CA GLY A 37 9.59 -3.54 -5.51
C GLY A 37 8.39 -3.11 -4.68
N LYS A 38 7.91 -4.00 -3.81
N LYS A 38 7.89 -4.00 -3.83
CA LYS A 38 6.69 -3.76 -3.04
CA LYS A 38 6.68 -3.71 -3.07
C LYS A 38 6.79 -2.55 -2.12
C LYS A 38 6.83 -2.48 -2.18
N THR A 39 7.93 -2.39 -1.46
CA THR A 39 8.15 -1.27 -0.55
C THR A 39 8.49 0.01 -1.32
N GLN A 40 9.21 -0.12 -2.42
CA GLN A 40 9.49 1.02 -3.29
C GLN A 40 8.19 1.58 -3.86
N LEU A 41 7.27 0.68 -4.21
CA LEU A 41 5.97 1.09 -4.72
C LEU A 41 5.16 1.81 -3.64
N ALA A 42 5.23 1.30 -2.41
CA ALA A 42 4.55 1.96 -1.29
C ALA A 42 5.05 3.40 -1.10
N HIS A 43 6.37 3.58 -1.12
CA HIS A 43 6.95 4.91 -0.97
C HIS A 43 6.54 5.81 -2.12
N THR A 44 6.52 5.27 -3.34
CA THR A 44 6.17 6.07 -4.50
C THR A 44 4.72 6.53 -4.42
N LEU A 45 3.83 5.60 -4.06
CA LEU A 45 2.41 5.94 -3.93
C LEU A 45 2.16 7.02 -2.87
N ALA A 46 2.95 7.00 -1.81
CA ALA A 46 2.82 7.99 -0.74
C ALA A 46 3.10 9.41 -1.26
N VAL A 47 3.90 9.50 -2.31
CA VAL A 47 4.15 10.77 -2.98
C VAL A 47 3.07 11.03 -4.05
N MET A 48 2.80 10.04 -4.89
CA MET A 48 1.89 10.23 -6.03
C MET A 48 0.48 10.67 -5.58
N VAL A 49 0.01 10.14 -4.45
CA VAL A 49 -1.33 10.46 -3.98
C VAL A 49 -1.51 11.96 -3.73
N GLN A 50 -0.40 12.65 -3.49
CA GLN A 50 -0.43 14.08 -3.15
C GLN A 50 -0.60 14.97 -4.37
N LEU A 51 -0.34 14.42 -5.54
CA LEU A 51 -0.42 15.17 -6.79
C LEU A 51 -1.87 15.44 -7.19
N PRO A 52 -2.11 16.46 -8.02
CA PRO A 52 -3.44 16.66 -8.57
C PRO A 52 -3.82 15.54 -9.54
N PRO A 53 -5.11 15.40 -9.84
CA PRO A 53 -5.53 14.22 -10.62
C PRO A 53 -4.97 14.16 -12.03
N GLU A 54 -4.71 15.30 -12.66
CA GLU A 54 -4.12 15.27 -14.00
C GLU A 54 -2.64 14.83 -13.96
N GLU A 55 -2.09 14.69 -12.75
CA GLU A 55 -0.75 14.14 -12.57
C GLU A 55 -0.80 12.74 -11.91
N GLY A 56 -2.01 12.20 -11.78
CA GLY A 56 -2.18 10.84 -11.29
C GLY A 56 -2.43 10.71 -9.80
N GLY A 57 -2.66 11.82 -9.11
CA GLY A 57 -2.92 11.80 -7.67
C GLY A 57 -4.34 12.16 -7.30
N LEU A 58 -4.57 12.35 -6.01
CA LEU A 58 -5.91 12.63 -5.49
C LEU A 58 -5.92 13.85 -4.59
N ASN A 59 -4.91 14.72 -4.74
CA ASN A 59 -4.77 15.91 -3.90
C ASN A 59 -4.92 15.54 -2.44
N GLY A 60 -4.27 14.44 -2.05
CA GLY A 60 -4.47 13.88 -0.72
C GLY A 60 -3.20 13.78 0.10
N SER A 61 -3.34 13.23 1.29
CA SER A 61 -2.18 12.88 2.11
C SER A 61 -2.17 11.39 2.33
N ALA A 62 -1.10 10.91 2.95
CA ALA A 62 -0.90 9.49 3.15
C ALA A 62 -0.63 9.16 4.60
N MET A 63 -0.90 7.91 4.96
N MET A 63 -0.92 7.92 4.97
CA MET A 63 -0.54 7.40 6.28
CA MET A 63 -0.57 7.38 6.27
C MET A 63 0.14 6.05 6.08
C MET A 63 0.21 6.11 6.00
N TYR A 64 1.25 5.86 6.79
CA TYR A 64 2.14 4.73 6.57
C TYR A 64 2.36 4.00 7.88
N ILE A 65 1.83 2.78 7.96
CA ILE A 65 2.08 1.91 9.11
C ILE A 65 3.22 0.97 8.76
N ASP A 66 4.26 1.01 9.58
CA ASP A 66 5.50 0.28 9.35
C ASP A 66 5.63 -0.81 10.41
N THR A 67 5.79 -2.06 9.99
CA THR A 67 5.88 -3.16 10.95
C THR A 67 7.31 -3.71 11.09
N GLU A 68 8.15 -3.47 10.09
CA GLU A 68 9.51 -4.04 10.07
C GLU A 68 10.58 -3.01 9.71
N ASN A 69 10.33 -1.75 10.06
N ASN A 69 10.35 -1.76 10.10
CA ASN A 69 11.28 -0.66 9.87
CA ASN A 69 11.31 -0.68 9.86
C ASN A 69 11.73 -0.48 8.41
C ASN A 69 11.73 -0.61 8.39
N THR A 70 10.75 -0.44 7.52
CA THR A 70 11.02 -0.31 6.09
C THR A 70 10.86 1.12 5.59
N PHE A 71 10.30 2.00 6.43
CA PHE A 71 10.05 3.39 6.04
C PHE A 71 11.36 4.17 5.97
N ARG A 72 11.54 4.89 4.86
CA ARG A 72 12.75 5.68 4.63
C ARG A 72 12.36 7.10 4.23
N PRO A 73 12.34 8.02 5.20
CA PRO A 73 11.95 9.41 4.90
C PRO A 73 12.76 10.04 3.78
N GLU A 74 14.05 9.76 3.70
CA GLU A 74 14.89 10.37 2.67
C GLU A 74 14.57 9.80 1.28
N ARG A 75 14.02 8.59 1.23
CA ARG A 75 13.59 8.03 -0.04
C ARG A 75 12.36 8.79 -0.54
N LEU A 76 11.44 9.10 0.37
CA LEU A 76 10.29 9.95 0.03
C LEU A 76 10.75 11.30 -0.47
N ARG A 77 11.71 11.90 0.22
CA ARG A 77 12.21 13.21 -0.16
C ARG A 77 12.86 13.17 -1.55
N GLU A 78 13.58 12.09 -1.83
CA GLU A 78 14.25 11.93 -3.12
C GLU A 78 13.23 11.83 -4.25
N ILE A 79 12.24 10.97 -4.06
CA ILE A 79 11.18 10.78 -5.04
C ILE A 79 10.47 12.11 -5.31
N ALA A 80 10.15 12.82 -4.23
CA ALA A 80 9.51 14.13 -4.34
C ALA A 80 10.34 15.10 -5.16
N GLN A 81 11.60 15.28 -4.75
CA GLN A 81 12.50 16.24 -5.39
C GLN A 81 12.60 15.96 -6.90
N ASN A 82 12.72 14.68 -7.25
CA ASN A 82 12.93 14.32 -8.64
C ASN A 82 11.66 14.35 -9.50
N ARG A 83 10.52 14.55 -8.85
CA ARG A 83 9.25 14.75 -9.55
C ARG A 83 8.81 16.22 -9.51
N GLY A 84 9.71 17.09 -9.08
CA GLY A 84 9.46 18.53 -9.10
C GLY A 84 8.71 19.05 -7.88
N LEU A 85 8.68 18.26 -6.82
CA LEU A 85 7.96 18.61 -5.60
C LEU A 85 8.91 18.99 -4.48
N ASP A 86 8.40 19.72 -3.50
CA ASP A 86 9.20 20.10 -2.34
C ASP A 86 9.31 18.90 -1.41
N PRO A 87 10.53 18.43 -1.14
CA PRO A 87 10.67 17.19 -0.36
C PRO A 87 10.12 17.28 1.06
N ASP A 88 10.27 18.43 1.72
CA ASP A 88 9.82 18.58 3.09
C ASP A 88 8.29 18.64 3.20
N GLU A 89 7.65 19.33 2.27
CA GLU A 89 6.20 19.41 2.26
C GLU A 89 5.59 18.04 2.00
N VAL A 90 6.19 17.30 1.08
CA VAL A 90 5.71 15.96 0.75
C VAL A 90 5.88 15.02 1.94
N LEU A 91 7.04 15.07 2.59
CA LEU A 91 7.27 14.24 3.77
C LEU A 91 6.27 14.57 4.88
N ASP A 92 5.97 15.84 5.07
CA ASP A 92 5.02 16.26 6.09
C ASP A 92 3.59 15.79 5.81
N ASN A 93 3.31 15.41 4.57
CA ASN A 93 1.99 14.87 4.21
C ASN A 93 1.93 13.35 4.27
N VAL A 94 2.97 12.73 4.84
CA VAL A 94 2.94 11.28 5.09
C VAL A 94 3.05 11.06 6.59
N ALA A 95 1.94 10.65 7.20
CA ALA A 95 1.88 10.43 8.63
C ALA A 95 2.37 9.02 8.95
N TYR A 96 3.54 8.96 9.58
CA TYR A 96 4.21 7.69 9.85
C TYR A 96 3.89 7.16 11.24
N ALA A 97 3.71 5.84 11.34
CA ALA A 97 3.59 5.18 12.63
C ALA A 97 4.22 3.79 12.57
N ARG A 98 5.03 3.47 13.56
CA ARG A 98 5.59 2.13 13.72
C ARG A 98 4.63 1.27 14.55
N ALA A 99 4.28 0.12 14.01
CA ALA A 99 3.49 -0.87 14.74
C ALA A 99 4.43 -1.77 15.52
N PHE A 100 4.27 -1.82 16.85
CA PHE A 100 5.18 -2.57 17.70
C PHE A 100 4.83 -4.06 17.80
N ASN A 101 3.55 -4.37 17.60
CA ASN A 101 3.07 -5.75 17.58
C ASN A 101 1.70 -5.76 16.90
N SER A 102 1.08 -6.92 16.76
CA SER A 102 -0.15 -7.00 15.98
C SER A 102 -1.31 -6.29 16.68
N ASN A 103 -1.31 -6.29 18.00
CA ASN A 103 -2.37 -5.62 18.74
C ASN A 103 -2.26 -4.10 18.62
N HIS A 104 -1.03 -3.60 18.70
CA HIS A 104 -0.79 -2.19 18.48
C HIS A 104 -1.16 -1.80 17.04
N GLN A 105 -0.84 -2.69 16.10
CA GLN A 105 -1.20 -2.48 14.71
C GLN A 105 -2.71 -2.25 14.55
N MET A 106 -3.51 -2.99 15.31
N MET A 106 -3.51 -3.00 15.29
N MET A 106 -3.51 -3.00 15.30
CA MET A 106 -4.97 -2.84 15.26
CA MET A 106 -4.97 -2.81 15.24
CA MET A 106 -4.97 -2.84 15.26
C MET A 106 -5.40 -1.50 15.85
C MET A 106 -5.36 -1.46 15.82
C MET A 106 -5.37 -1.48 15.82
N LEU A 107 -4.74 -1.09 16.93
CA LEU A 107 -5.04 0.19 17.56
C LEU A 107 -4.69 1.33 16.59
N LEU A 108 -3.59 1.19 15.87
CA LEU A 108 -3.17 2.21 14.93
C LEU A 108 -4.22 2.44 13.84
N VAL A 109 -4.92 1.38 13.45
CA VAL A 109 -5.96 1.53 12.44
C VAL A 109 -7.13 2.35 13.00
N GLN A 110 -7.44 2.16 14.28
CA GLN A 110 -8.46 2.96 14.94
C GLN A 110 -8.03 4.42 15.02
N GLN A 111 -6.77 4.66 15.34
CA GLN A 111 -6.24 6.01 15.40
C GLN A 111 -6.23 6.64 14.03
N ALA A 112 -5.99 5.82 13.01
CA ALA A 112 -5.96 6.30 11.64
C ALA A 112 -7.32 6.90 11.28
N GLU A 113 -8.39 6.26 11.74
CA GLU A 113 -9.73 6.75 11.47
C GLU A 113 -9.93 8.17 12.01
N ASP A 114 -9.35 8.45 13.17
CA ASP A 114 -9.48 9.79 13.75
C ASP A 114 -8.90 10.86 12.81
N MET A 115 -7.72 10.59 12.27
N MET A 115 -7.72 10.61 12.27
N MET A 115 -7.73 10.60 12.26
CA MET A 115 -7.05 11.52 11.38
CA MET A 115 -7.08 11.57 11.38
CA MET A 115 -7.07 11.57 11.38
C MET A 115 -7.82 11.66 10.08
C MET A 115 -7.85 11.68 10.07
C MET A 115 -7.79 11.67 10.04
N ILE A 116 -8.32 10.55 9.57
CA ILE A 116 -9.08 10.53 8.33
C ILE A 116 -10.34 11.40 8.50
N LYS A 117 -11.03 11.22 9.61
CA LYS A 117 -12.22 12.01 9.90
C LYS A 117 -11.90 13.49 10.00
N GLU A 118 -10.79 13.81 10.68
CA GLU A 118 -10.36 15.18 10.87
C GLU A 118 -10.12 15.90 9.55
N LEU A 119 -9.47 15.22 8.61
CA LEU A 119 -9.04 15.84 7.37
C LEU A 119 -10.02 15.68 6.21
N LEU A 120 -11.09 14.93 6.44
CA LEU A 120 -11.97 14.46 5.36
C LEU A 120 -12.48 15.56 4.45
N ASN A 121 -12.86 16.69 5.04
CA ASN A 121 -13.48 17.77 4.28
C ASN A 121 -12.60 19.00 4.12
N THR A 122 -11.29 18.80 4.31
CA THR A 122 -10.30 19.83 4.06
C THR A 122 -9.85 19.77 2.60
N ASP A 123 -8.95 20.66 2.22
CA ASP A 123 -8.41 20.69 0.87
C ASP A 123 -7.47 19.52 0.58
N ARG A 124 -7.03 18.81 1.62
CA ARG A 124 -6.13 17.67 1.43
C ARG A 124 -6.51 16.54 2.40
N PRO A 125 -7.53 15.77 2.03
CA PRO A 125 -7.94 14.63 2.87
C PRO A 125 -6.92 13.51 2.79
N VAL A 126 -6.95 12.62 3.76
CA VAL A 126 -6.20 11.37 3.64
C VAL A 126 -6.80 10.60 2.48
N LYS A 127 -5.96 10.13 1.57
CA LYS A 127 -6.43 9.33 0.43
C LYS A 127 -5.71 8.00 0.29
N LEU A 128 -4.72 7.75 1.12
CA LEU A 128 -3.94 6.53 1.05
C LEU A 128 -3.49 6.09 2.43
N LEU A 129 -3.79 4.83 2.77
CA LEU A 129 -3.30 4.21 3.99
C LEU A 129 -2.48 2.99 3.59
N ILE A 130 -1.20 3.01 3.95
CA ILE A 130 -0.26 1.94 3.66
C ILE A 130 -0.01 1.10 4.92
N VAL A 131 -0.03 -0.22 4.77
CA VAL A 131 0.44 -1.11 5.82
C VAL A 131 1.52 -2.00 5.22
N ASP A 132 2.77 -1.74 5.57
CA ASP A 132 3.88 -2.49 4.99
C ASP A 132 4.17 -3.76 5.76
N SER A 133 4.25 -4.87 5.04
CA SER A 133 4.44 -6.19 5.65
C SER A 133 3.33 -6.47 6.66
N LEU A 134 2.09 -6.30 6.21
CA LEU A 134 0.90 -6.39 7.05
C LEU A 134 0.83 -7.62 7.94
N THR A 135 1.35 -8.73 7.46
CA THR A 135 1.22 -10.00 8.18
C THR A 135 2.36 -10.29 9.14
N SER A 136 3.44 -9.51 9.11
CA SER A 136 4.67 -9.88 9.81
C SER A 136 4.46 -10.16 11.31
N HIS A 137 3.80 -9.26 12.01
CA HIS A 137 3.56 -9.46 13.43
C HIS A 137 2.62 -10.64 13.69
N PHE A 138 1.63 -10.81 12.81
CA PHE A 138 0.65 -11.88 12.99
C PHE A 138 1.34 -13.23 12.83
N ARG A 139 2.29 -13.30 11.91
CA ARG A 139 3.02 -14.55 11.68
C ARG A 139 4.00 -14.87 12.81
N SER A 140 4.54 -13.82 13.44
N SER A 140 4.53 -13.84 13.45
CA SER A 140 5.47 -13.99 14.54
CA SER A 140 5.49 -14.05 14.54
C SER A 140 4.74 -14.42 15.81
C SER A 140 4.78 -14.36 15.86
N GLU A 141 3.57 -13.84 16.04
CA GLU A 141 2.84 -14.01 17.30
C GLU A 141 1.91 -15.23 17.35
N TYR A 142 1.28 -15.53 16.22
CA TYR A 142 0.34 -16.65 16.15
C TYR A 142 1.03 -17.79 15.41
N ILE A 143 1.58 -18.72 16.18
CA ILE A 143 2.44 -19.75 15.64
C ILE A 143 2.31 -21.00 16.49
N GLY A 144 2.23 -22.15 15.81
CA GLY A 144 2.13 -23.42 16.49
C GLY A 144 0.81 -24.11 16.25
N ARG A 145 0.55 -25.18 17.01
CA ARG A 145 -0.60 -26.02 16.77
C ARG A 145 -1.90 -25.23 16.93
N GLY A 146 -2.72 -25.23 15.88
CA GLY A 146 -3.99 -24.54 15.88
C GLY A 146 -3.91 -23.04 15.63
N ALA A 147 -2.70 -22.53 15.38
CA ALA A 147 -2.51 -21.10 15.19
C ALA A 147 -3.08 -20.62 13.86
N LEU A 148 -3.24 -21.51 12.90
CA LEU A 148 -3.71 -21.11 11.58
C LEU A 148 -5.08 -20.44 11.67
N ALA A 149 -6.02 -21.12 12.32
CA ALA A 149 -7.37 -20.59 12.45
C ALA A 149 -7.39 -19.23 13.15
N GLU A 150 -6.67 -19.13 14.27
CA GLU A 150 -6.67 -17.88 15.04
C GLU A 150 -6.01 -16.75 14.26
N ARG A 151 -4.87 -17.03 13.63
CA ARG A 151 -4.15 -16.01 12.89
C ARG A 151 -5.01 -15.50 11.73
N GLN A 152 -5.65 -16.43 11.02
CA GLN A 152 -6.47 -16.06 9.87
C GLN A 152 -7.70 -15.26 10.30
N GLN A 153 -8.28 -15.62 11.44
N GLN A 153 -8.27 -15.61 11.45
CA GLN A 153 -9.42 -14.87 11.97
CA GLN A 153 -9.41 -14.89 12.00
C GLN A 153 -9.01 -13.44 12.33
C GLN A 153 -9.02 -13.46 12.35
N LYS A 154 -7.88 -13.30 13.00
CA LYS A 154 -7.38 -11.99 13.39
C LYS A 154 -7.04 -11.15 12.17
N LEU A 155 -6.41 -11.75 11.18
CA LEU A 155 -6.08 -11.03 9.94
C LEU A 155 -7.36 -10.64 9.22
N ALA A 156 -8.34 -11.54 9.18
CA ALA A 156 -9.59 -11.24 8.50
C ALA A 156 -10.28 -10.03 9.13
N LYS A 157 -10.24 -9.95 10.46
N LYS A 157 -10.24 -9.95 10.46
CA LYS A 157 -10.84 -8.83 11.17
CA LYS A 157 -10.84 -8.84 11.18
C LYS A 157 -10.10 -7.53 10.88
C LYS A 157 -10.10 -7.53 10.89
N HIS A 158 -8.77 -7.62 10.90
CA HIS A 158 -7.92 -6.47 10.61
C HIS A 158 -8.21 -5.97 9.19
N LEU A 159 -8.33 -6.90 8.25
CA LEU A 159 -8.62 -6.54 6.87
C LEU A 159 -10.03 -5.97 6.73
N ALA A 160 -10.99 -6.50 7.48
CA ALA A 160 -12.34 -5.96 7.48
C ALA A 160 -12.35 -4.50 7.98
N ASP A 161 -11.57 -4.22 9.03
CA ASP A 161 -11.44 -2.86 9.53
C ASP A 161 -10.87 -1.94 8.45
N LEU A 162 -9.87 -2.43 7.73
CA LEU A 162 -9.25 -1.65 6.67
C LEU A 162 -10.21 -1.44 5.49
N HIS A 163 -10.96 -2.47 5.13
CA HIS A 163 -11.97 -2.34 4.07
C HIS A 163 -12.99 -1.28 4.44
N ARG A 164 -13.39 -1.25 5.71
CA ARG A 164 -14.35 -0.26 6.17
C ARG A 164 -13.82 1.16 5.97
N LEU A 165 -12.55 1.40 6.33
CA LEU A 165 -11.97 2.73 6.15
C LEU A 165 -11.94 3.11 4.67
N ALA A 166 -11.55 2.17 3.82
CA ALA A 166 -11.47 2.42 2.39
C ALA A 166 -12.84 2.80 1.83
N ASN A 167 -13.87 2.06 2.23
CA ASN A 167 -15.20 2.26 1.69
C ASN A 167 -15.91 3.47 2.29
N LEU A 168 -15.74 3.67 3.59
CA LEU A 168 -16.45 4.74 4.29
C LEU A 168 -15.89 6.12 3.95
N TYR A 169 -14.57 6.20 3.80
CA TYR A 169 -13.88 7.48 3.65
C TYR A 169 -13.27 7.69 2.27
N ASP A 170 -13.53 6.75 1.35
CA ASP A 170 -13.07 6.84 -0.03
C ASP A 170 -11.55 6.99 -0.09
N ILE A 171 -10.85 6.05 0.53
CA ILE A 171 -9.39 6.03 0.48
C ILE A 171 -8.90 4.72 -0.11
N ALA A 172 -7.68 4.75 -0.65
CA ALA A 172 -7.02 3.55 -1.09
C ALA A 172 -6.26 2.97 0.08
N VAL A 173 -6.41 1.66 0.30
CA VAL A 173 -5.58 0.95 1.25
C VAL A 173 -4.61 0.08 0.46
N PHE A 174 -3.32 0.22 0.77
CA PHE A 174 -2.25 -0.48 0.06
C PHE A 174 -1.45 -1.25 1.09
N VAL A 175 -1.39 -2.57 0.92
CA VAL A 175 -0.67 -3.41 1.87
C VAL A 175 0.36 -4.26 1.16
N THR A 176 1.46 -4.55 1.85
CA THR A 176 2.50 -5.40 1.28
C THR A 176 2.68 -6.64 2.13
N ASN A 177 3.19 -7.70 1.51
N ASN A 177 3.23 -7.69 1.51
CA ASN A 177 3.49 -8.91 2.24
CA ASN A 177 3.37 -9.00 2.13
C ASN A 177 4.63 -9.68 1.61
C ASN A 177 4.60 -9.72 1.58
N GLN A 178 5.31 -10.47 2.44
CA GLN A 178 6.36 -11.35 1.97
C GLN A 178 5.68 -12.59 1.40
N VAL A 179 6.31 -13.22 0.42
CA VAL A 179 5.77 -14.46 -0.13
C VAL A 179 5.81 -15.58 0.89
N HIS A 185 0.49 -21.92 0.01
CA HIS A 185 -0.25 -21.35 -1.10
C HIS A 185 -1.77 -21.57 -0.94
N ILE A 186 -2.18 -22.17 0.17
CA ILE A 186 -3.59 -22.51 0.39
C ILE A 186 -4.30 -21.61 1.41
N LEU A 187 -3.62 -20.58 1.92
CA LEU A 187 -4.24 -19.69 2.89
C LEU A 187 -5.21 -18.73 2.20
N ALA A 188 -6.30 -18.40 2.89
CA ALA A 188 -7.26 -17.45 2.36
C ALA A 188 -6.70 -16.04 2.42
N HIS A 189 -7.17 -15.19 1.50
CA HIS A 189 -6.81 -13.78 1.46
C HIS A 189 -8.06 -12.98 1.17
N SER A 190 -8.16 -11.77 1.73
CA SER A 190 -9.37 -10.96 1.55
C SER A 190 -9.11 -9.56 0.99
N ALA A 191 -7.91 -9.31 0.48
CA ALA A 191 -7.65 -8.06 -0.23
C ALA A 191 -8.55 -8.01 -1.47
N THR A 192 -8.88 -6.81 -1.92
CA THR A 192 -9.68 -6.63 -3.12
C THR A 192 -8.94 -7.13 -4.35
N LEU A 193 -7.65 -6.80 -4.43
CA LEU A 193 -6.82 -7.11 -5.57
C LEU A 193 -5.45 -7.52 -5.08
N ARG A 194 -4.94 -8.63 -5.58
CA ARG A 194 -3.61 -9.11 -5.22
C ARG A 194 -2.68 -9.08 -6.42
N VAL A 195 -1.48 -8.54 -6.19
CA VAL A 195 -0.48 -8.35 -7.23
C VAL A 195 0.83 -8.98 -6.80
N TYR A 196 1.32 -9.90 -7.61
CA TYR A 196 2.59 -10.57 -7.34
C TYR A 196 3.70 -9.83 -8.07
N LEU A 197 4.74 -9.47 -7.34
CA LEU A 197 5.91 -8.79 -7.91
C LEU A 197 7.15 -9.67 -7.83
N ARG A 198 7.97 -9.60 -8.88
N ARG A 198 7.97 -9.61 -8.87
CA ARG A 198 9.22 -10.36 -8.92
CA ARG A 198 9.25 -10.31 -8.87
C ARG A 198 10.27 -9.63 -9.75
C ARG A 198 10.29 -9.53 -9.65
N LYS A 199 11.54 -9.93 -9.51
CA LYS A 199 12.62 -9.36 -10.29
C LYS A 199 12.65 -9.99 -11.69
N GLY A 200 12.95 -9.16 -12.68
CA GLY A 200 13.12 -9.61 -14.04
C GLY A 200 14.48 -9.17 -14.57
N LYS A 201 14.66 -9.28 -15.88
CA LYS A 201 15.94 -8.95 -16.49
C LYS A 201 16.13 -7.44 -16.56
N GLY A 202 17.38 -7.01 -16.68
CA GLY A 202 17.71 -5.61 -16.86
C GLY A 202 17.31 -4.74 -15.69
N GLY A 203 17.23 -5.31 -14.50
CA GLY A 203 16.88 -4.56 -13.30
C GLY A 203 15.41 -4.27 -13.18
N LYS A 204 14.61 -4.77 -14.14
CA LYS A 204 13.19 -4.54 -14.13
C LYS A 204 12.51 -5.36 -13.05
N ARG A 205 11.30 -4.94 -12.68
CA ARG A 205 10.41 -5.73 -11.86
C ARG A 205 9.21 -6.07 -12.72
N ILE A 206 8.61 -7.24 -12.45
N ILE A 206 8.62 -7.24 -12.47
CA ILE A 206 7.49 -7.75 -13.22
CA ILE A 206 7.48 -7.71 -13.23
C ILE A 206 6.29 -7.92 -12.31
C ILE A 206 6.29 -7.88 -12.28
N ALA A 207 5.13 -7.42 -12.73
CA ALA A 207 3.89 -7.51 -11.94
C ALA A 207 2.87 -8.39 -12.64
N ARG A 208 2.19 -9.21 -11.85
CA ARG A 208 1.14 -10.09 -12.34
C ARG A 208 -0.04 -10.04 -11.37
N LEU A 209 -1.25 -9.91 -11.90
CA LEU A 209 -2.44 -9.97 -11.07
C LEU A 209 -2.76 -11.41 -10.74
N ILE A 210 -3.14 -11.65 -9.48
CA ILE A 210 -3.44 -12.99 -9.01
C ILE A 210 -4.94 -13.13 -8.76
N ASP A 211 -5.53 -14.19 -9.32
CA ASP A 211 -6.94 -14.52 -9.08
C ASP A 211 -7.87 -13.34 -9.40
N ALA A 212 -7.61 -12.69 -10.53
CA ALA A 212 -8.39 -11.53 -10.96
C ALA A 212 -8.96 -11.75 -12.36
N PRO A 213 -9.99 -12.60 -12.48
CA PRO A 213 -10.58 -12.89 -13.79
C PRO A 213 -11.31 -11.69 -14.40
N HIS A 214 -11.53 -10.65 -13.60
CA HIS A 214 -12.28 -9.48 -14.05
C HIS A 214 -11.40 -8.47 -14.80
N LEU A 215 -10.08 -8.65 -14.72
CA LEU A 215 -9.14 -7.72 -15.36
C LEU A 215 -8.30 -8.47 -16.40
N PRO A 216 -8.00 -7.81 -17.55
CA PRO A 216 -7.37 -8.51 -18.68
C PRO A 216 -6.03 -9.19 -18.38
N GLU A 217 -5.67 -10.13 -19.24
CA GLU A 217 -4.47 -10.95 -19.08
C GLU A 217 -3.22 -10.19 -19.51
N GLY A 218 -2.16 -10.30 -18.70
CA GLY A 218 -0.89 -9.67 -19.02
C GLY A 218 0.01 -9.50 -17.82
N GLU A 219 1.22 -9.00 -18.06
CA GLU A 219 2.13 -8.64 -16.99
C GLU A 219 2.71 -7.26 -17.27
N ALA A 220 2.93 -6.48 -16.23
CA ALA A 220 3.54 -5.17 -16.36
C ALA A 220 5.01 -5.25 -16.02
N VAL A 221 5.78 -4.33 -16.59
CA VAL A 221 7.21 -4.23 -16.37
C VAL A 221 7.53 -2.81 -15.93
N PHE A 222 8.33 -2.67 -14.89
CA PHE A 222 8.70 -1.34 -14.42
C PHE A 222 10.09 -1.33 -13.82
N SER A 223 10.57 -0.13 -13.54
N SER A 223 10.59 -0.13 -13.54
CA SER A 223 11.91 0.10 -13.00
CA SER A 223 11.92 0.03 -12.97
C SER A 223 11.82 0.80 -11.65
C SER A 223 11.86 0.83 -11.68
N ILE A 224 12.91 0.70 -10.89
CA ILE A 224 13.04 1.45 -9.64
C ILE A 224 14.14 2.50 -9.90
N THR A 225 13.77 3.77 -9.80
CA THR A 225 14.67 4.86 -10.17
C THR A 225 14.68 5.94 -9.09
N GLU A 226 15.33 7.06 -9.40
CA GLU A 226 15.38 8.19 -8.49
C GLU A 226 14.00 8.84 -8.35
N LYS A 227 13.07 8.49 -9.24
CA LYS A 227 11.69 8.97 -9.15
C LYS A 227 10.78 7.94 -8.47
N GLY A 228 11.38 6.91 -7.90
CA GLY A 228 10.63 5.83 -7.26
C GLY A 228 10.37 4.72 -8.25
N ILE A 229 9.12 4.66 -8.72
CA ILE A 229 8.71 3.68 -9.72
C ILE A 229 8.41 4.42 -11.03
N GLU A 230 8.90 3.88 -12.14
CA GLU A 230 8.47 4.31 -13.46
C GLU A 230 8.71 3.17 -14.44
N ASP A 231 8.32 3.35 -15.70
CA ASP A 231 8.53 2.31 -16.69
C ASP A 231 10.03 2.05 -16.85
O1 1F1 B . -2.26 10.24 14.75
C2 1F1 B . -1.22 9.88 14.14
O3 1F1 B . -0.15 10.51 14.06
C4 1F1 B . -1.30 8.55 13.40
C5 1F1 B . -2.23 7.58 13.83
C6 1F1 B . -2.35 6.38 13.19
C7 1F1 B . -1.53 6.12 12.08
C8 1F1 B . -1.40 5.02 11.18
C9 1F1 B . -0.42 5.35 10.26
N10 1F1 B . 0.09 6.62 10.55
C11 1F1 B . -0.59 7.11 11.67
C12 1F1 B . -0.46 8.34 12.34
H5 1F1 B . -2.86 7.82 14.69
H6 1F1 B . -3.07 5.62 13.52
H8 1F1 B . -1.98 4.10 11.21
H9 1F1 B . -0.04 4.77 9.42
H12 1F1 B . 0.26 9.08 12.03
HN10 1F1 B . 0.82 7.10 10.04
NA NA C . 0.77 19.61 4.69
NA NA D . -14.30 -2.05 -1.25
CA CA E . 10.91 -3.16 -2.51
S DMS F . -5.21 -30.10 15.85
O DMS F . -4.29 -30.62 16.91
C1 DMS F . -4.40 -28.71 15.01
C2 DMS F . -5.27 -31.31 14.49
H11 DMS F . -3.45 -29.01 14.66
H12 DMS F . -4.28 -27.91 15.70
H13 DMS F . -5.00 -28.39 14.20
H21 DMS F . -5.71 -32.21 14.84
H22 DMS F . -4.28 -31.51 14.16
H23 DMS F . -5.84 -30.91 13.70
#